data_1UUT
#
_entry.id   1UUT
#
_cell.length_a   41.830
_cell.length_b   78.705
_cell.length_c   184.280
_cell.angle_alpha   90.00
_cell.angle_beta   90.00
_cell.angle_gamma   90.00
#
_symmetry.space_group_name_H-M   'P 21 21 21'
#
loop_
_entity.id
_entity.type
_entity.pdbx_description
1 polymer 'REP PROTEIN'
2 polymer "5'-D(*CP*AP*GP*CP*TP*CP*TP*TP*TP*GP *AP*GP*CP*TP*G)-3'"
3 non-polymer 'MAGNESIUM ION'
4 non-polymer 'CHLORIDE ION'
5 water water
#
loop_
_entity_poly.entity_id
_entity_poly.type
_entity_poly.pdbx_seq_one_letter_code
_entity_poly.pdbx_strand_id
1 'polypeptide(L)'
;MATFYEVIVRVPFDVEEHLPGISDSFVDWVTGQIWELPPESDLNLTLVEQPQLTVADRIRRVFLYEWNKFSKQESKFFVQ
FEKGSEYFHLHTLVETSGISSMVLGRYVSQIRAQLVKVVFQGIEPQINDWVAITKVKKGGANKVVDSGYIPAYLLPKVQP
ELQWAWTNLDEYKLAALNLEERKRLVAQFLAESSQRS
;
A,B
2 'polydeoxyribonucleotide' (DC)(DA)(DG)(DC)(DT)(DC)(DT)(DT)(DT)(DG)(DA)(DG)(DC)(DT)(DG) C,D
#
loop_
_chem_comp.id
_chem_comp.type
_chem_comp.name
_chem_comp.formula
CL non-polymer 'CHLORIDE ION' 'Cl -1'
DA DNA linking 2'-DEOXYADENOSINE-5'-MONOPHOSPHATE 'C10 H14 N5 O6 P'
DC DNA linking 2'-DEOXYCYTIDINE-5'-MONOPHOSPHATE 'C9 H14 N3 O7 P'
DG DNA linking 2'-DEOXYGUANOSINE-5'-MONOPHOSPHATE 'C10 H14 N5 O7 P'
DT DNA linking THYMIDINE-5'-MONOPHOSPHATE 'C10 H15 N2 O8 P'
MG non-polymer 'MAGNESIUM ION' 'Mg 2'
#
# COMPACT_ATOMS: atom_id res chain seq x y z
N MET A 1 -13.02 19.46 9.80
CA MET A 1 -12.98 18.01 9.91
C MET A 1 -13.19 17.56 11.36
N ALA A 2 -13.58 16.30 11.53
CA ALA A 2 -13.80 15.71 12.85
C ALA A 2 -12.54 14.96 13.26
N THR A 3 -12.47 14.55 14.52
CA THR A 3 -11.30 13.82 15.01
C THR A 3 -11.76 12.51 15.66
N PHE A 4 -10.89 11.51 15.68
CA PHE A 4 -11.24 10.20 16.21
C PHE A 4 -10.23 9.58 17.17
N TYR A 5 -10.75 8.77 18.09
CA TYR A 5 -9.95 8.01 19.02
C TYR A 5 -10.06 6.62 18.41
N GLU A 6 -9.16 5.72 18.79
CA GLU A 6 -9.24 4.37 18.28
C GLU A 6 -9.09 3.38 19.42
N VAL A 7 -9.96 2.39 19.44
CA VAL A 7 -9.91 1.35 20.47
C VAL A 7 -9.84 0.06 19.69
N ILE A 8 -8.89 -0.80 20.03
CA ILE A 8 -8.74 -2.07 19.37
C ILE A 8 -9.18 -3.16 20.34
N VAL A 9 -10.22 -3.91 19.94
CA VAL A 9 -10.73 -4.98 20.77
C VAL A 9 -10.37 -6.33 20.15
N ARG A 10 -9.63 -7.14 20.90
CA ARG A 10 -9.24 -8.48 20.44
C ARG A 10 -10.41 -9.38 20.78
N VAL A 11 -11.13 -9.78 19.73
CA VAL A 11 -12.31 -10.60 19.83
C VAL A 11 -12.01 -12.08 20.01
N PRO A 12 -12.57 -12.71 21.05
CA PRO A 12 -12.34 -14.13 21.29
C PRO A 12 -12.63 -14.93 20.02
N PHE A 13 -11.73 -15.83 19.66
CA PHE A 13 -11.88 -16.65 18.46
C PHE A 13 -11.69 -18.14 18.67
N ASP A 14 -11.56 -18.55 19.92
CA ASP A 14 -11.38 -19.96 20.27
C ASP A 14 -12.00 -20.03 21.65
N VAL A 15 -13.26 -20.45 21.73
CA VAL A 15 -13.97 -20.50 23.02
C VAL A 15 -13.25 -21.27 24.13
N GLU A 16 -12.70 -22.43 23.82
CA GLU A 16 -11.99 -23.22 24.83
C GLU A 16 -10.78 -22.49 25.42
N GLU A 17 -10.04 -21.78 24.55
CA GLU A 17 -8.84 -21.06 24.95
C GLU A 17 -9.09 -19.68 25.55
N HIS A 18 -10.06 -18.96 24.98
CA HIS A 18 -10.36 -17.60 25.42
C HIS A 18 -11.48 -17.44 26.42
N LEU A 19 -12.49 -18.30 26.35
CA LEU A 19 -13.64 -18.25 27.26
C LEU A 19 -13.84 -19.58 27.94
N PRO A 20 -12.82 -20.04 28.69
CA PRO A 20 -12.89 -21.32 29.40
C PRO A 20 -14.09 -21.48 30.33
N GLY A 21 -14.79 -22.60 30.16
CA GLY A 21 -15.94 -22.91 30.98
C GLY A 21 -17.22 -22.17 30.68
N ILE A 22 -17.25 -21.37 29.61
CA ILE A 22 -18.45 -20.64 29.29
C ILE A 22 -19.58 -21.61 28.92
N SER A 23 -20.79 -21.21 29.23
CA SER A 23 -21.99 -21.99 28.99
C SER A 23 -22.22 -22.33 27.52
N ASP A 24 -22.88 -23.47 27.27
CA ASP A 24 -23.21 -23.92 25.91
C ASP A 24 -24.04 -22.86 25.18
N SER A 25 -24.80 -22.06 25.93
CA SER A 25 -25.65 -21.02 25.36
C SER A 25 -24.85 -20.04 24.50
N PHE A 26 -23.61 -19.77 24.90
CA PHE A 26 -22.73 -18.86 24.16
C PHE A 26 -22.44 -19.48 22.80
N VAL A 27 -22.09 -20.77 22.82
CA VAL A 27 -21.77 -21.51 21.61
C VAL A 27 -22.96 -21.55 20.66
N ASP A 28 -24.14 -21.84 21.21
CA ASP A 28 -25.36 -21.89 20.40
C ASP A 28 -25.61 -20.55 19.73
N TRP A 29 -25.44 -19.47 20.49
CA TRP A 29 -25.64 -18.13 19.95
C TRP A 29 -24.66 -17.84 18.80
N VAL A 30 -23.36 -17.92 19.08
CA VAL A 30 -22.38 -17.61 18.06
C VAL A 30 -22.41 -18.47 16.80
N THR A 31 -22.72 -19.76 16.94
CA THR A 31 -22.78 -20.65 15.79
C THR A 31 -24.12 -20.58 15.03
N GLY A 32 -25.14 -20.04 15.67
CA GLY A 32 -26.45 -19.97 15.05
C GLY A 32 -26.86 -18.77 14.20
N GLN A 33 -26.11 -17.69 14.23
CA GLN A 33 -26.48 -16.51 13.43
C GLN A 33 -25.96 -16.58 12.01
N ILE A 34 -26.85 -16.47 11.04
CA ILE A 34 -26.46 -16.52 9.63
C ILE A 34 -26.31 -15.12 9.08
N TRP A 35 -25.15 -14.85 8.49
CA TRP A 35 -24.86 -13.54 7.90
C TRP A 35 -25.01 -13.56 6.38
N GLU A 36 -25.55 -12.48 5.82
CA GLU A 36 -25.67 -12.38 4.38
C GLU A 36 -25.12 -11.03 3.90
N LEU A 37 -24.47 -11.04 2.74
CA LEU A 37 -23.89 -9.81 2.18
C LEU A 37 -24.95 -8.98 1.51
N PRO A 38 -24.91 -7.66 1.72
CA PRO A 38 -25.90 -6.78 1.09
C PRO A 38 -25.59 -6.86 -0.40
N PRO A 39 -26.57 -6.56 -1.27
CA PRO A 39 -26.31 -6.64 -2.71
C PRO A 39 -25.18 -5.72 -3.22
N GLU A 40 -24.98 -4.56 -2.60
CA GLU A 40 -23.92 -3.63 -3.02
C GLU A 40 -22.52 -4.17 -2.75
N SER A 41 -22.42 -5.10 -1.80
CA SER A 41 -21.13 -5.68 -1.45
C SER A 41 -20.58 -6.54 -2.58
N ASP A 42 -19.26 -6.59 -2.69
CA ASP A 42 -18.62 -7.43 -3.70
C ASP A 42 -17.68 -8.41 -2.99
N LEU A 43 -17.92 -8.61 -1.70
CA LEU A 43 -17.10 -9.51 -0.91
C LEU A 43 -17.46 -10.96 -1.19
N ASN A 44 -16.53 -11.84 -0.84
CA ASN A 44 -16.71 -13.28 -0.98
C ASN A 44 -17.11 -13.74 0.41
N LEU A 45 -18.39 -14.04 0.60
CA LEU A 45 -18.90 -14.47 1.91
C LEU A 45 -18.22 -15.72 2.49
N THR A 46 -17.72 -16.63 1.64
CA THR A 46 -17.10 -17.85 2.15
C THR A 46 -15.82 -17.59 2.95
N LEU A 47 -15.24 -16.40 2.79
CA LEU A 47 -14.03 -16.04 3.50
C LEU A 47 -14.30 -15.35 4.85
N VAL A 48 -15.57 -15.11 5.15
CA VAL A 48 -15.97 -14.46 6.41
C VAL A 48 -16.27 -15.54 7.46
N GLU A 49 -15.64 -15.42 8.63
CA GLU A 49 -15.84 -16.36 9.74
C GLU A 49 -17.03 -15.84 10.53
N GLN A 50 -18.19 -16.44 10.30
CA GLN A 50 -19.42 -16.00 10.93
C GLN A 50 -19.55 -15.98 12.45
N PRO A 51 -19.12 -17.05 13.16
CA PRO A 51 -19.25 -17.01 14.62
C PRO A 51 -18.42 -15.85 15.21
N GLN A 52 -17.21 -15.65 14.69
CA GLN A 52 -16.36 -14.57 15.17
C GLN A 52 -17.00 -13.21 14.86
N LEU A 53 -17.59 -13.09 13.69
CA LEU A 53 -18.24 -11.84 13.28
C LEU A 53 -19.44 -11.54 14.16
N THR A 54 -20.18 -12.59 14.52
CA THR A 54 -21.36 -12.47 15.39
C THR A 54 -20.94 -11.86 16.73
N VAL A 55 -19.81 -12.31 17.26
CA VAL A 55 -19.30 -11.79 18.53
C VAL A 55 -18.82 -10.35 18.34
N ALA A 56 -18.07 -10.12 17.27
CA ALA A 56 -17.55 -8.78 16.95
C ALA A 56 -18.68 -7.76 16.80
N ASP A 57 -19.77 -8.15 16.12
CA ASP A 57 -20.89 -7.23 15.92
C ASP A 57 -21.62 -6.93 17.23
N ARG A 58 -21.72 -7.94 18.09
CA ARG A 58 -22.36 -7.75 19.39
C ARG A 58 -21.49 -6.80 20.23
N ILE A 59 -20.17 -7.02 20.18
CA ILE A 59 -19.24 -6.17 20.91
C ILE A 59 -19.36 -4.74 20.37
N ARG A 60 -19.35 -4.61 19.04
CA ARG A 60 -19.46 -3.30 18.41
C ARG A 60 -20.69 -2.52 18.86
N ARG A 61 -21.86 -3.15 18.76
CA ARG A 61 -23.11 -2.51 19.14
C ARG A 61 -23.19 -2.15 20.62
N VAL A 62 -22.68 -3.02 21.49
CA VAL A 62 -22.67 -2.72 22.92
C VAL A 62 -21.72 -1.53 23.14
N PHE A 63 -20.56 -1.59 22.49
CA PHE A 63 -19.56 -0.51 22.60
C PHE A 63 -20.15 0.86 22.22
N LEU A 64 -20.75 0.93 21.03
CA LEU A 64 -21.33 2.18 20.54
C LEU A 64 -22.53 2.63 21.35
N TYR A 65 -23.31 1.68 21.84
CA TYR A 65 -24.46 2.02 22.66
C TYR A 65 -23.98 2.73 23.92
N GLU A 66 -22.97 2.17 24.58
CA GLU A 66 -22.42 2.76 25.79
C GLU A 66 -21.69 4.06 25.49
N TRP A 67 -20.93 4.07 24.41
CA TRP A 67 -20.19 5.26 24.00
C TRP A 67 -21.13 6.45 23.82
N ASN A 68 -22.22 6.24 23.10
CA ASN A 68 -23.19 7.30 22.84
C ASN A 68 -23.78 7.88 24.12
N LYS A 69 -23.97 7.05 25.14
CA LYS A 69 -24.48 7.55 26.41
C LYS A 69 -23.43 8.46 27.06
N PHE A 70 -22.16 8.18 26.80
CA PHE A 70 -21.07 9.00 27.34
C PHE A 70 -20.92 10.32 26.57
N SER A 71 -20.92 10.22 25.24
CA SER A 71 -20.75 11.39 24.38
C SER A 71 -21.98 12.27 24.28
N LYS A 72 -23.15 11.69 24.57
CA LYS A 72 -24.44 12.39 24.51
C LYS A 72 -24.92 12.69 23.09
N GLN A 73 -24.50 11.88 22.12
CA GLN A 73 -24.91 12.06 20.73
C GLN A 73 -24.62 10.80 19.95
N GLU A 74 -25.11 10.72 18.72
CA GLU A 74 -24.87 9.56 17.89
C GLU A 74 -23.51 9.79 17.21
N SER A 75 -22.45 9.45 17.93
CA SER A 75 -21.09 9.63 17.47
C SER A 75 -20.75 8.96 16.12
N LYS A 76 -19.92 9.64 15.34
CA LYS A 76 -19.46 9.11 14.06
C LYS A 76 -18.48 7.98 14.31
N PHE A 77 -18.51 6.95 13.48
CA PHE A 77 -17.61 5.84 13.64
C PHE A 77 -17.33 5.10 12.34
N PHE A 78 -16.24 4.36 12.35
CA PHE A 78 -15.88 3.49 11.24
C PHE A 78 -15.25 2.34 12.00
N VAL A 79 -15.88 1.18 11.95
CA VAL A 79 -15.38 0.01 12.65
C VAL A 79 -15.08 -1.06 11.61
N GLN A 80 -13.91 -1.70 11.74
CA GLN A 80 -13.51 -2.72 10.80
C GLN A 80 -13.03 -3.96 11.56
N PHE A 81 -13.63 -5.11 11.26
CA PHE A 81 -13.26 -6.37 11.89
C PHE A 81 -12.20 -7.03 11.01
N GLU A 82 -11.07 -7.40 11.60
CA GLU A 82 -9.99 -8.01 10.86
C GLU A 82 -9.49 -9.31 11.45
N LYS A 83 -9.03 -10.19 10.57
CA LYS A 83 -8.47 -11.47 10.96
C LYS A 83 -6.97 -11.28 10.78
N GLY A 84 -6.30 -10.92 11.86
CA GLY A 84 -4.86 -10.70 11.81
C GLY A 84 -4.11 -12.02 11.83
N SER A 85 -2.78 -11.94 11.82
CA SER A 85 -1.97 -13.16 11.82
C SER A 85 -1.99 -13.88 13.17
N GLU A 86 -2.30 -13.13 14.24
CA GLU A 86 -2.35 -13.70 15.59
C GLU A 86 -3.71 -13.54 16.27
N TYR A 87 -4.39 -12.44 15.97
CA TYR A 87 -5.68 -12.14 16.56
C TYR A 87 -6.73 -11.59 15.62
N PHE A 88 -7.98 -11.85 15.95
CA PHE A 88 -9.13 -11.30 15.24
C PHE A 88 -9.31 -10.03 16.06
N HIS A 89 -9.51 -8.88 15.42
CA HIS A 89 -9.67 -7.67 16.19
C HIS A 89 -10.49 -6.60 15.51
N LEU A 90 -11.20 -5.84 16.33
CA LEU A 90 -12.04 -4.75 15.89
C LEU A 90 -11.29 -3.45 16.01
N HIS A 91 -11.19 -2.73 14.90
CA HIS A 91 -10.56 -1.41 14.91
C HIS A 91 -11.78 -0.50 15.03
N THR A 92 -11.95 0.07 16.20
CA THR A 92 -13.08 0.96 16.46
C THR A 92 -12.62 2.42 16.42
N LEU A 93 -12.94 3.09 15.33
CA LEU A 93 -12.59 4.49 15.18
C LEU A 93 -13.85 5.29 15.54
N VAL A 94 -13.80 6.01 16.65
CA VAL A 94 -14.96 6.77 17.07
C VAL A 94 -14.61 8.22 17.26
N GLU A 95 -15.55 9.09 16.88
CA GLU A 95 -15.38 10.53 16.99
C GLU A 95 -15.13 10.92 18.45
N THR A 96 -14.27 11.91 18.64
CA THR A 96 -13.92 12.40 19.97
C THR A 96 -14.97 13.27 20.64
N SER A 97 -15.83 13.90 19.84
CA SER A 97 -16.88 14.79 20.35
C SER A 97 -17.52 14.37 21.66
N GLY A 98 -17.46 15.27 22.64
CA GLY A 98 -18.04 15.02 23.94
C GLY A 98 -17.25 14.13 24.89
N ILE A 99 -16.11 13.60 24.46
CA ILE A 99 -15.30 12.74 25.31
C ILE A 99 -13.89 13.30 25.40
N SER A 100 -13.48 13.77 26.57
CA SER A 100 -12.14 14.33 26.71
C SER A 100 -11.11 13.21 26.84
N SER A 101 -9.89 13.45 26.39
CA SER A 101 -8.85 12.44 26.47
C SER A 101 -8.59 12.01 27.92
N MET A 102 -8.72 12.96 28.84
CA MET A 102 -8.49 12.72 30.25
C MET A 102 -9.41 11.64 30.85
N VAL A 103 -10.66 11.64 30.40
CA VAL A 103 -11.64 10.69 30.91
C VAL A 103 -11.82 9.43 30.05
N LEU A 104 -11.33 9.48 28.81
CA LEU A 104 -11.45 8.35 27.88
C LEU A 104 -11.07 7.00 28.48
N GLY A 105 -9.96 6.95 29.20
CA GLY A 105 -9.50 5.71 29.80
C GLY A 105 -10.53 5.07 30.72
N ARG A 106 -11.14 5.89 31.57
CA ARG A 106 -12.18 5.44 32.51
C ARG A 106 -13.42 4.95 31.78
N TYR A 107 -13.87 5.71 30.78
CA TYR A 107 -15.04 5.34 30.00
C TYR A 107 -14.82 4.00 29.33
N VAL A 108 -13.66 3.84 28.69
CA VAL A 108 -13.34 2.58 28.02
C VAL A 108 -13.33 1.43 29.03
N SER A 109 -12.77 1.68 30.21
CA SER A 109 -12.73 0.67 31.26
C SER A 109 -14.14 0.22 31.64
N GLN A 110 -15.08 1.15 31.68
CA GLN A 110 -16.47 0.82 32.01
C GLN A 110 -17.13 -0.01 30.90
N ILE A 111 -16.83 0.32 29.65
CA ILE A 111 -17.38 -0.41 28.52
C ILE A 111 -16.85 -1.86 28.56
N ARG A 112 -15.55 -2.02 28.86
CA ARG A 112 -14.94 -3.36 28.96
C ARG A 112 -15.70 -4.21 29.99
N ALA A 113 -16.00 -3.60 31.13
CA ALA A 113 -16.74 -4.28 32.20
C ALA A 113 -18.14 -4.66 31.69
N GLN A 114 -18.78 -3.76 30.95
CA GLN A 114 -20.10 -4.05 30.40
C GLN A 114 -20.02 -5.19 29.39
N LEU A 115 -18.98 -5.20 28.57
CA LEU A 115 -18.81 -6.26 27.57
C LEU A 115 -18.69 -7.63 28.26
N VAL A 116 -17.89 -7.68 29.32
CA VAL A 116 -17.69 -8.91 30.07
C VAL A 116 -19.01 -9.41 30.62
N LYS A 117 -19.77 -8.48 31.21
CA LYS A 117 -21.06 -8.77 31.82
C LYS A 117 -22.15 -9.22 30.84
N VAL A 118 -22.40 -8.41 29.80
CA VAL A 118 -23.46 -8.70 28.85
C VAL A 118 -23.14 -9.46 27.55
N VAL A 119 -21.86 -9.75 27.30
CA VAL A 119 -21.48 -10.48 26.10
C VAL A 119 -20.80 -11.81 26.44
N PHE A 120 -19.98 -11.83 27.47
CA PHE A 120 -19.25 -13.04 27.82
C PHE A 120 -19.68 -13.76 29.08
N GLN A 121 -20.93 -13.56 29.48
CA GLN A 121 -21.48 -14.20 30.67
C GLN A 121 -20.62 -14.05 31.92
N GLY A 122 -20.06 -12.87 32.10
CA GLY A 122 -19.24 -12.60 33.27
C GLY A 122 -17.84 -13.19 33.21
N ILE A 123 -17.48 -13.83 32.10
CA ILE A 123 -16.16 -14.44 31.97
C ILE A 123 -15.21 -13.47 31.26
N GLU A 124 -14.09 -13.15 31.92
CA GLU A 124 -13.11 -12.23 31.35
C GLU A 124 -12.33 -12.96 30.25
N PRO A 125 -12.32 -12.41 29.03
CA PRO A 125 -11.59 -13.04 27.93
C PRO A 125 -10.11 -13.24 28.25
N GLN A 126 -9.65 -14.46 28.04
CA GLN A 126 -8.26 -14.84 28.31
C GLN A 126 -7.35 -14.41 27.16
N ILE A 127 -7.33 -13.12 26.89
CA ILE A 127 -6.53 -12.52 25.83
C ILE A 127 -5.88 -11.29 26.46
N ASN A 128 -4.56 -11.19 26.38
CA ASN A 128 -3.84 -10.06 26.96
C ASN A 128 -4.21 -8.76 26.26
N ASP A 129 -4.48 -7.73 27.04
CA ASP A 129 -4.84 -6.40 26.53
C ASP A 129 -5.91 -6.49 25.45
N TRP A 130 -6.99 -7.25 25.72
CA TRP A 130 -8.04 -7.40 24.72
C TRP A 130 -8.84 -6.13 24.40
N VAL A 131 -8.69 -5.09 25.22
CA VAL A 131 -9.34 -3.81 24.94
C VAL A 131 -8.24 -2.77 25.16
N ALA A 132 -7.75 -2.18 24.08
CA ALA A 132 -6.67 -1.20 24.17
C ALA A 132 -6.89 0.07 23.37
N ILE A 133 -6.60 1.22 23.97
CA ILE A 133 -6.75 2.52 23.32
C ILE A 133 -5.43 2.81 22.62
N THR A 134 -5.50 3.21 21.36
CA THR A 134 -4.29 3.55 20.61
C THR A 134 -3.66 4.79 21.23
N LYS A 135 -2.40 4.67 21.62
CA LYS A 135 -1.64 5.75 22.25
C LYS A 135 -0.72 6.43 21.24
N VAL A 136 -0.17 7.58 21.62
CA VAL A 136 0.74 8.35 20.76
C VAL A 136 2.06 7.58 20.61
N LYS A 137 2.48 6.96 21.70
CA LYS A 137 3.71 6.15 21.76
C LYS A 137 3.49 5.27 22.97
N LYS A 138 4.18 4.13 23.06
CA LYS A 138 4.03 3.27 24.22
C LYS A 138 4.39 4.11 25.44
N GLY A 139 3.42 4.36 26.30
CA GLY A 139 3.66 5.17 27.48
C GLY A 139 3.26 6.63 27.29
N GLY A 140 2.37 6.89 26.34
CA GLY A 140 1.95 8.25 26.07
C GLY A 140 0.46 8.49 26.11
N ALA A 141 0.06 9.66 25.63
CA ALA A 141 -1.33 10.08 25.58
C ALA A 141 -2.14 9.31 24.55
N ASN A 142 -3.46 9.49 24.61
CA ASN A 142 -4.36 8.84 23.67
C ASN A 142 -4.22 9.48 22.30
N LYS A 143 -4.06 8.64 21.29
CA LYS A 143 -3.89 9.08 19.92
C LYS A 143 -5.18 9.64 19.34
N VAL A 144 -5.06 10.74 18.61
CA VAL A 144 -6.20 11.37 17.96
C VAL A 144 -5.85 11.47 16.48
N VAL A 145 -6.75 10.99 15.62
CA VAL A 145 -6.54 11.01 14.17
C VAL A 145 -7.74 11.67 13.48
N ASP A 146 -7.61 11.95 12.18
CA ASP A 146 -8.72 12.51 11.41
C ASP A 146 -9.15 11.42 10.43
N SER A 147 -10.18 11.70 9.63
CA SER A 147 -10.69 10.71 8.68
C SER A 147 -9.67 10.15 7.67
N GLY A 148 -8.59 10.89 7.44
CA GLY A 148 -7.55 10.43 6.53
C GLY A 148 -6.95 9.10 6.95
N TYR A 149 -7.15 8.74 8.21
CA TYR A 149 -6.66 7.48 8.75
C TYR A 149 -7.39 6.31 8.07
N ILE A 150 -8.65 6.53 7.72
CA ILE A 150 -9.46 5.49 7.10
C ILE A 150 -8.88 5.03 5.77
N PRO A 151 -8.71 5.94 4.79
CA PRO A 151 -8.15 5.47 3.51
C PRO A 151 -6.68 5.06 3.60
N ALA A 152 -5.95 5.64 4.57
CA ALA A 152 -4.54 5.33 4.76
C ALA A 152 -4.29 3.94 5.36
N TYR A 153 -5.11 3.56 6.35
CA TYR A 153 -4.93 2.29 7.03
C TYR A 153 -6.02 1.23 7.01
N LEU A 154 -7.27 1.66 7.02
CA LEU A 154 -8.39 0.70 7.05
C LEU A 154 -8.87 0.18 5.71
N LEU A 155 -9.18 1.11 4.80
CA LEU A 155 -9.68 0.74 3.48
C LEU A 155 -8.89 -0.25 2.63
N PRO A 156 -7.54 -0.16 2.59
CA PRO A 156 -6.76 -1.12 1.78
C PRO A 156 -6.76 -2.59 2.19
N LYS A 157 -7.36 -2.92 3.33
CA LYS A 157 -7.40 -4.31 3.75
C LYS A 157 -8.31 -5.11 2.82
N VAL A 158 -7.86 -6.30 2.43
CA VAL A 158 -8.66 -7.17 1.58
C VAL A 158 -8.86 -8.49 2.32
N GLN A 159 -9.71 -9.36 1.76
CA GLN A 159 -9.98 -10.64 2.37
C GLN A 159 -8.78 -11.57 2.19
N PRO A 160 -8.55 -12.50 3.12
CA PRO A 160 -9.33 -12.76 4.33
C PRO A 160 -9.02 -11.90 5.56
N GLU A 161 -8.04 -11.00 5.46
CA GLU A 161 -7.73 -10.14 6.59
C GLU A 161 -8.94 -9.26 6.91
N LEU A 162 -9.55 -8.67 5.87
CA LEU A 162 -10.75 -7.87 6.07
C LEU A 162 -11.90 -8.86 6.27
N GLN A 163 -12.60 -8.75 7.39
CA GLN A 163 -13.73 -9.65 7.65
C GLN A 163 -15.07 -8.93 7.48
N TRP A 164 -15.13 -7.66 7.87
CA TRP A 164 -16.36 -6.88 7.78
C TRP A 164 -16.05 -5.46 8.26
N ALA A 165 -16.95 -4.52 8.00
CA ALA A 165 -16.77 -3.13 8.41
C ALA A 165 -18.14 -2.49 8.49
N TRP A 166 -18.28 -1.49 9.35
CA TRP A 166 -19.54 -0.77 9.55
C TRP A 166 -19.19 0.71 9.68
N THR A 167 -20.11 1.59 9.33
CA THR A 167 -19.87 3.02 9.45
C THR A 167 -21.14 3.83 9.29
N ASN A 168 -21.17 5.01 9.90
CA ASN A 168 -22.31 5.91 9.77
C ASN A 168 -21.83 7.21 9.10
N LEU A 169 -20.64 7.14 8.50
CA LEU A 169 -20.03 8.25 7.77
C LEU A 169 -20.46 8.03 6.31
N ASP A 170 -21.30 8.91 5.79
CA ASP A 170 -21.82 8.79 4.42
C ASP A 170 -20.76 8.60 3.35
N GLU A 171 -19.65 9.29 3.50
CA GLU A 171 -18.55 9.21 2.56
C GLU A 171 -18.00 7.78 2.42
N TYR A 172 -18.13 6.98 3.47
CA TYR A 172 -17.62 5.62 3.46
C TYR A 172 -18.64 4.50 3.52
N LYS A 173 -19.91 4.83 3.31
CA LYS A 173 -20.93 3.81 3.37
C LYS A 173 -20.78 2.71 2.32
N LEU A 174 -20.55 3.09 1.07
CA LEU A 174 -20.35 2.08 0.04
C LEU A 174 -19.02 1.34 0.26
N ALA A 175 -17.99 2.06 0.71
CA ALA A 175 -16.68 1.46 0.96
C ALA A 175 -16.66 0.35 2.01
N ALA A 176 -17.53 0.46 3.01
CA ALA A 176 -17.57 -0.54 4.08
C ALA A 176 -17.43 -1.98 3.61
N LEU A 177 -18.27 -2.41 2.68
CA LEU A 177 -18.23 -3.79 2.20
C LEU A 177 -17.99 -3.95 0.69
N ASN A 178 -17.38 -2.94 0.09
CA ASN A 178 -17.11 -2.99 -1.34
C ASN A 178 -15.62 -2.72 -1.64
N LEU A 179 -14.93 -3.78 -2.06
CA LEU A 179 -13.51 -3.74 -2.39
C LEU A 179 -13.18 -2.75 -3.51
N GLU A 180 -14.00 -2.73 -4.53
CA GLU A 180 -13.79 -1.84 -5.67
C GLU A 180 -13.86 -0.37 -5.23
N GLU A 181 -14.76 -0.07 -4.31
CA GLU A 181 -14.91 1.30 -3.80
C GLU A 181 -13.73 1.66 -2.89
N ARG A 182 -13.29 0.70 -2.09
CA ARG A 182 -12.14 0.89 -1.20
C ARG A 182 -10.92 1.23 -2.06
N LYS A 183 -10.73 0.45 -3.12
CA LYS A 183 -9.62 0.65 -4.04
C LYS A 183 -9.69 2.06 -4.64
N ARG A 184 -10.89 2.49 -5.02
CA ARG A 184 -11.08 3.81 -5.61
C ARG A 184 -10.68 4.93 -4.63
N LEU A 185 -11.14 4.83 -3.39
CA LEU A 185 -10.82 5.83 -2.37
C LEU A 185 -9.34 5.80 -1.96
N VAL A 186 -8.71 4.62 -1.98
CA VAL A 186 -7.29 4.52 -1.64
C VAL A 186 -6.46 5.16 -2.76
N ALA A 187 -6.81 4.85 -4.01
CA ALA A 187 -6.10 5.41 -5.16
C ALA A 187 -6.15 6.93 -5.14
N GLN A 188 -7.33 7.48 -4.83
CA GLN A 188 -7.51 8.93 -4.74
C GLN A 188 -6.64 9.49 -3.60
N PHE A 189 -6.60 8.77 -2.48
CA PHE A 189 -5.80 9.16 -1.33
C PHE A 189 -4.30 9.20 -1.67
N LEU A 190 -3.82 8.18 -2.38
CA LEU A 190 -2.41 8.11 -2.76
C LEU A 190 -2.05 9.19 -3.76
N ALA A 191 -2.97 9.48 -4.68
CA ALA A 191 -2.74 10.52 -5.68
C ALA A 191 -2.51 11.87 -4.99
N GLU A 192 -3.44 12.24 -4.10
CA GLU A 192 -3.34 13.49 -3.35
C GLU A 192 -2.11 13.52 -2.43
N SER A 193 -1.80 12.37 -1.83
CA SER A 193 -0.66 12.25 -0.93
C SER A 193 0.71 12.40 -1.58
N SER A 194 0.84 11.90 -2.81
CA SER A 194 2.11 11.98 -3.54
C SER A 194 2.50 13.41 -3.89
N GLN A 195 1.53 14.31 -3.83
CA GLN A 195 1.76 15.71 -4.13
C GLN A 195 2.07 16.48 -2.83
N MET B 1 13.40 19.72 -1.66
CA MET B 1 12.33 19.13 -2.47
C MET B 1 12.69 19.07 -3.95
N ALA B 2 12.76 17.85 -4.49
CA ALA B 2 13.11 17.65 -5.89
C ALA B 2 11.90 17.18 -6.71
N THR B 3 11.90 17.51 -8.00
CA THR B 3 10.84 17.11 -8.91
C THR B 3 11.46 16.25 -10.01
N PHE B 4 10.68 15.34 -10.57
CA PHE B 4 11.18 14.44 -11.60
C PHE B 4 10.28 14.30 -12.82
N TYR B 5 10.90 13.90 -13.92
CA TYR B 5 10.21 13.61 -15.17
C TYR B 5 10.22 12.08 -15.13
N GLU B 6 9.31 11.43 -15.84
CA GLU B 6 9.31 9.98 -15.88
C GLU B 6 9.31 9.51 -17.31
N VAL B 7 10.24 8.61 -17.62
CA VAL B 7 10.37 8.04 -18.95
C VAL B 7 10.24 6.54 -18.75
N ILE B 8 9.30 5.93 -19.45
CA ILE B 8 9.10 4.49 -19.37
C ILE B 8 9.66 3.84 -20.63
N VAL B 9 10.56 2.89 -20.44
CA VAL B 9 11.18 2.18 -21.55
C VAL B 9 10.71 0.74 -21.51
N ARG B 10 10.18 0.26 -22.64
CA ARG B 10 9.71 -1.12 -22.73
C ARG B 10 10.82 -2.05 -23.18
N VAL B 11 10.87 -3.21 -22.52
CA VAL B 11 11.83 -4.28 -22.77
C VAL B 11 10.98 -5.55 -22.65
N PRO B 12 10.87 -6.35 -23.72
CA PRO B 12 10.08 -7.60 -23.69
C PRO B 12 11.01 -8.80 -23.40
N PHE B 13 10.75 -9.95 -24.01
CA PHE B 13 11.66 -11.10 -23.85
C PHE B 13 12.98 -10.67 -24.56
N ASP B 14 12.82 -9.85 -25.59
CA ASP B 14 13.89 -9.25 -26.40
C ASP B 14 14.80 -10.16 -27.20
N VAL B 15 14.30 -10.61 -28.35
CA VAL B 15 15.07 -11.45 -29.26
C VAL B 15 14.56 -11.08 -30.66
N GLU B 16 14.83 -11.91 -31.65
CA GLU B 16 14.41 -11.69 -33.05
C GLU B 16 12.93 -11.29 -33.28
N GLU B 17 12.10 -11.45 -32.26
CA GLU B 17 10.69 -11.07 -32.38
C GLU B 17 10.58 -9.53 -32.34
N HIS B 18 11.62 -8.88 -31.82
CA HIS B 18 11.64 -7.42 -31.72
C HIS B 18 12.87 -6.76 -32.31
N LEU B 19 13.92 -7.56 -32.58
CA LEU B 19 15.16 -7.04 -33.16
C LEU B 19 15.56 -7.87 -34.38
N PRO B 20 14.73 -7.89 -35.43
CA PRO B 20 15.03 -8.66 -36.63
C PRO B 20 16.35 -8.31 -37.31
N GLY B 21 17.19 -9.34 -37.50
CA GLY B 21 18.48 -9.16 -38.14
C GLY B 21 19.65 -8.96 -37.19
N ILE B 22 19.37 -8.79 -35.90
CA ILE B 22 20.42 -8.54 -34.92
C ILE B 22 21.42 -9.70 -34.88
N SER B 23 22.70 -9.37 -34.71
CA SER B 23 23.75 -10.38 -34.68
C SER B 23 23.64 -11.27 -33.45
N ASP B 24 24.24 -12.45 -33.54
CA ASP B 24 24.24 -13.41 -32.43
C ASP B 24 24.90 -12.81 -31.19
N SER B 25 25.78 -11.83 -31.42
CA SER B 25 26.47 -11.15 -30.33
C SER B 25 25.51 -10.60 -29.28
N PHE B 26 24.32 -10.18 -29.71
CA PHE B 26 23.34 -9.63 -28.77
C PHE B 26 22.93 -10.70 -27.74
N VAL B 27 22.50 -11.87 -28.22
CA VAL B 27 22.11 -12.95 -27.32
C VAL B 27 23.31 -13.42 -26.49
N ASP B 28 24.50 -13.44 -27.08
CA ASP B 28 25.71 -13.84 -26.37
C ASP B 28 25.91 -12.95 -25.15
N TRP B 29 25.70 -11.65 -25.36
CA TRP B 29 25.84 -10.66 -24.30
C TRP B 29 24.80 -10.80 -23.19
N VAL B 30 23.51 -10.73 -23.54
CA VAL B 30 22.45 -10.81 -22.55
C VAL B 30 22.39 -12.13 -21.76
N THR B 31 22.79 -13.24 -22.37
CA THR B 31 22.73 -14.52 -21.66
C THR B 31 24.02 -14.80 -20.89
N GLY B 32 25.07 -14.06 -21.20
CA GLY B 32 26.34 -14.28 -20.54
C GLY B 32 26.60 -13.51 -19.24
N GLN B 33 25.83 -12.46 -18.99
CA GLN B 33 26.04 -11.65 -17.79
C GLN B 33 25.41 -12.22 -16.53
N ILE B 34 26.23 -12.43 -15.51
CA ILE B 34 25.79 -12.97 -14.22
C ILE B 34 25.55 -11.83 -13.24
N TRP B 35 24.38 -11.83 -12.62
CA TRP B 35 24.02 -10.81 -11.65
C TRP B 35 24.02 -11.36 -10.23
N GLU B 36 24.54 -10.56 -9.31
CA GLU B 36 24.59 -10.94 -7.89
C GLU B 36 23.78 -9.94 -7.08
N LEU B 37 23.27 -10.38 -5.94
CA LEU B 37 22.53 -9.49 -5.07
C LEU B 37 23.50 -8.81 -4.13
N PRO B 38 23.36 -7.49 -3.90
CA PRO B 38 24.29 -6.81 -2.99
C PRO B 38 24.06 -7.42 -1.60
N PRO B 39 25.08 -7.36 -0.71
CA PRO B 39 24.92 -7.94 0.63
C PRO B 39 23.76 -7.35 1.44
N GLU B 40 23.43 -6.09 1.20
CA GLU B 40 22.35 -5.44 1.94
C GLU B 40 20.96 -5.72 1.37
N SER B 41 20.89 -6.50 0.29
CA SER B 41 19.61 -6.84 -0.33
C SER B 41 18.94 -8.05 0.33
N ASP B 42 17.60 -8.03 0.36
CA ASP B 42 16.86 -9.16 0.94
C ASP B 42 15.92 -9.77 -0.10
N LEU B 43 16.19 -9.49 -1.37
CA LEU B 43 15.38 -10.00 -2.48
C LEU B 43 15.68 -11.46 -2.74
N ASN B 44 14.83 -12.07 -3.56
CA ASN B 44 15.01 -13.45 -3.97
C ASN B 44 15.52 -13.38 -5.42
N LEU B 45 16.82 -13.60 -5.60
CA LEU B 45 17.43 -13.54 -6.93
C LEU B 45 16.84 -14.48 -7.97
N THR B 46 16.28 -15.60 -7.53
CA THR B 46 15.70 -16.55 -8.49
C THR B 46 14.47 -16.01 -9.19
N LEU B 47 13.90 -14.92 -8.66
CA LEU B 47 12.73 -14.30 -9.26
C LEU B 47 13.12 -13.16 -10.19
N VAL B 48 14.43 -12.96 -10.33
CA VAL B 48 14.97 -11.89 -11.19
C VAL B 48 15.36 -12.47 -12.55
N GLU B 49 14.81 -11.90 -13.62
CA GLU B 49 15.10 -12.33 -14.99
C GLU B 49 16.36 -11.61 -15.46
N GLN B 50 17.50 -12.29 -15.33
CA GLN B 50 18.79 -11.71 -15.68
C GLN B 50 19.04 -11.24 -17.10
N PRO B 51 18.60 -11.99 -18.14
CA PRO B 51 18.84 -11.50 -19.49
C PRO B 51 18.17 -10.13 -19.70
N GLN B 52 16.92 -10.02 -19.24
CA GLN B 52 16.17 -8.78 -19.37
C GLN B 52 16.76 -7.67 -18.51
N LEU B 53 17.19 -8.01 -17.30
CA LEU B 53 17.81 -7.04 -16.41
C LEU B 53 19.09 -6.51 -17.05
N THR B 54 19.82 -7.38 -17.73
CA THR B 54 21.07 -6.98 -18.40
C THR B 54 20.81 -5.91 -19.45
N VAL B 55 19.77 -6.09 -20.25
CA VAL B 55 19.43 -5.11 -21.29
C VAL B 55 18.95 -3.82 -20.63
N ALA B 56 18.10 -3.96 -19.62
CA ALA B 56 17.55 -2.81 -18.91
C ALA B 56 18.64 -1.94 -18.28
N ASP B 57 19.62 -2.58 -17.66
CA ASP B 57 20.71 -1.84 -17.02
C ASP B 57 21.54 -1.08 -18.05
N ARG B 58 21.76 -1.71 -19.21
CA ARG B 58 22.52 -1.09 -20.29
C ARG B 58 21.76 0.14 -20.80
N ILE B 59 20.45 -0.01 -21.00
CA ILE B 59 19.60 1.10 -21.45
C ILE B 59 19.70 2.23 -20.43
N ARG B 60 19.53 1.86 -19.16
CA ARG B 60 19.58 2.81 -18.04
C ARG B 60 20.87 3.64 -18.03
N ARG B 61 22.02 2.98 -18.07
CA ARG B 61 23.29 3.70 -18.04
C ARG B 61 23.53 4.60 -19.25
N VAL B 62 23.15 4.14 -20.44
CA VAL B 62 23.32 4.96 -21.64
C VAL B 62 22.37 6.15 -21.52
N PHE B 63 21.15 5.90 -21.05
CA PHE B 63 20.17 6.96 -20.89
C PHE B 63 20.67 8.02 -19.92
N LEU B 64 21.14 7.59 -18.74
CA LEU B 64 21.63 8.51 -17.73
C LEU B 64 22.87 9.27 -18.16
N TYR B 65 23.77 8.57 -18.86
CA TYR B 65 24.99 9.22 -19.35
C TYR B 65 24.63 10.35 -20.31
N GLU B 66 23.75 10.06 -21.26
CA GLU B 66 23.30 11.05 -22.24
C GLU B 66 22.53 12.20 -21.57
N TRP B 67 21.68 11.84 -20.62
CA TRP B 67 20.88 12.82 -19.88
C TRP B 67 21.81 13.82 -19.17
N ASN B 68 22.82 13.30 -18.47
CA ASN B 68 23.75 14.15 -17.73
C ASN B 68 24.48 15.15 -18.60
N LYS B 69 24.64 14.83 -19.87
CA LYS B 69 25.31 15.76 -20.79
C LYS B 69 24.36 16.93 -21.05
N PHE B 70 23.06 16.67 -21.06
CA PHE B 70 22.04 17.70 -21.28
C PHE B 70 21.81 18.52 -20.01
N SER B 71 21.75 17.86 -18.86
CA SER B 71 21.52 18.56 -17.59
C SER B 71 22.76 19.27 -17.05
N LYS B 72 23.92 18.90 -17.59
CA LYS B 72 25.21 19.48 -17.18
C LYS B 72 25.44 19.25 -15.69
N GLN B 73 25.07 18.08 -15.21
CA GLN B 73 25.21 17.71 -13.80
C GLN B 73 24.85 16.24 -13.64
N GLU B 74 25.22 15.64 -12.51
CA GLU B 74 24.88 14.25 -12.25
C GLU B 74 23.47 14.24 -11.66
N SER B 75 22.48 14.30 -12.56
CA SER B 75 21.08 14.33 -12.17
C SER B 75 20.66 13.23 -11.20
N LYS B 76 19.83 13.60 -10.23
CA LYS B 76 19.30 12.64 -9.26
C LYS B 76 18.29 11.78 -9.99
N PHE B 77 18.20 10.51 -9.63
CA PHE B 77 17.27 9.62 -10.29
C PHE B 77 16.87 8.46 -9.41
N PHE B 78 15.75 7.84 -9.79
CA PHE B 78 15.28 6.62 -9.16
C PHE B 78 14.70 5.84 -10.32
N VAL B 79 15.36 4.74 -10.65
CA VAL B 79 14.93 3.90 -11.77
C VAL B 79 14.51 2.54 -11.23
N GLN B 80 13.34 2.08 -11.67
CA GLN B 80 12.85 0.79 -11.23
C GLN B 80 12.45 -0.07 -12.43
N PHE B 81 13.01 -1.28 -12.48
CA PHE B 81 12.73 -2.22 -13.54
C PHE B 81 11.63 -3.14 -13.03
N GLU B 82 10.56 -3.25 -13.81
CA GLU B 82 9.44 -4.08 -13.42
C GLU B 82 9.02 -5.05 -14.51
N LYS B 83 8.29 -6.08 -14.09
CA LYS B 83 7.78 -7.09 -15.00
C LYS B 83 6.26 -6.98 -15.00
N GLY B 84 5.70 -6.54 -16.12
CA GLY B 84 4.26 -6.41 -16.26
C GLY B 84 3.64 -7.67 -16.86
N SER B 85 2.36 -7.59 -17.21
CA SER B 85 1.67 -8.74 -17.80
C SER B 85 2.15 -9.11 -19.20
N GLU B 86 2.59 -8.10 -19.98
CA GLU B 86 3.07 -8.36 -21.33
C GLU B 86 4.43 -7.75 -21.66
N TYR B 87 4.90 -6.82 -20.84
CA TYR B 87 6.19 -6.16 -21.06
C TYR B 87 6.95 -5.89 -19.77
N PHE B 88 8.27 -5.92 -19.85
CA PHE B 88 9.12 -5.56 -18.71
C PHE B 88 9.29 -4.08 -19.01
N HIS B 89 9.54 -3.26 -18.00
CA HIS B 89 9.71 -1.84 -18.27
C HIS B 89 10.47 -1.08 -17.22
N LEU B 90 11.30 -0.16 -17.69
CA LEU B 90 12.11 0.70 -16.86
C LEU B 90 11.37 1.97 -16.57
N HIS B 91 11.07 2.19 -15.31
CA HIS B 91 10.43 3.42 -14.87
C HIS B 91 11.59 4.30 -14.49
N THR B 92 11.90 5.25 -15.35
CA THR B 92 13.00 6.16 -15.11
C THR B 92 12.57 7.52 -14.61
N LEU B 93 12.79 7.78 -13.33
CA LEU B 93 12.47 9.08 -12.75
C LEU B 93 13.78 9.86 -12.68
N VAL B 94 13.84 10.96 -13.41
CA VAL B 94 15.04 11.79 -13.44
C VAL B 94 14.69 13.20 -13.01
N GLU B 95 15.51 13.77 -12.13
CA GLU B 95 15.30 15.11 -11.64
C GLU B 95 15.13 16.07 -12.81
N THR B 96 14.25 17.05 -12.66
CA THR B 96 13.98 18.01 -13.71
C THR B 96 15.05 19.11 -13.89
N SER B 97 15.92 19.29 -12.90
CA SER B 97 16.97 20.32 -12.93
C SER B 97 17.76 20.39 -14.24
N GLY B 98 17.86 21.58 -14.81
CA GLY B 98 18.62 21.76 -16.03
C GLY B 98 17.95 21.32 -17.32
N ILE B 99 16.77 20.73 -17.23
CA ILE B 99 16.05 20.28 -18.43
C ILE B 99 14.65 20.88 -18.47
N SER B 100 14.43 21.87 -19.34
CA SER B 100 13.12 22.49 -19.42
C SER B 100 12.17 21.62 -20.21
N SER B 101 10.88 21.75 -19.91
CA SER B 101 9.86 20.99 -20.61
C SER B 101 9.89 21.33 -22.11
N MET B 102 10.41 22.51 -22.43
CA MET B 102 10.51 22.94 -23.83
C MET B 102 11.42 22.06 -24.69
N VAL B 103 12.50 21.54 -24.10
CA VAL B 103 13.45 20.69 -24.83
C VAL B 103 13.46 19.22 -24.41
N LEU B 104 12.61 18.84 -23.47
CA LEU B 104 12.56 17.45 -23.00
C LEU B 104 12.28 16.47 -24.14
N GLY B 105 11.21 16.71 -24.89
CA GLY B 105 10.85 15.84 -25.99
C GLY B 105 12.02 15.62 -26.96
N ARG B 106 12.64 16.73 -27.37
CA ARG B 106 13.78 16.70 -28.29
C ARG B 106 14.94 15.87 -27.75
N TYR B 107 15.27 16.04 -26.47
CA TYR B 107 16.35 15.30 -25.85
C TYR B 107 16.07 13.80 -25.74
N VAL B 108 14.88 13.45 -25.26
CA VAL B 108 14.53 12.03 -25.14
C VAL B 108 14.62 11.35 -26.51
N SER B 109 14.22 12.06 -27.56
CA SER B 109 14.29 11.49 -28.91
C SER B 109 15.72 11.25 -29.36
N GLN B 110 16.64 12.11 -28.92
CA GLN B 110 18.05 11.94 -29.27
C GLN B 110 18.60 10.77 -28.49
N ILE B 111 18.16 10.62 -27.24
CA ILE B 111 18.59 9.51 -26.40
C ILE B 111 18.11 8.20 -27.00
N ARG B 112 16.86 8.18 -27.47
CA ARG B 112 16.27 6.99 -28.08
C ARG B 112 17.06 6.57 -29.33
N ALA B 113 17.39 7.55 -30.16
CA ALA B 113 18.15 7.28 -31.38
C ALA B 113 19.52 6.72 -31.02
N GLN B 114 20.08 7.20 -29.92
CA GLN B 114 21.37 6.73 -29.43
C GLN B 114 21.29 5.28 -28.94
N LEU B 115 20.25 4.95 -28.19
CA LEU B 115 20.04 3.59 -27.68
C LEU B 115 19.97 2.62 -28.85
N VAL B 116 19.24 3.01 -29.89
CA VAL B 116 19.08 2.20 -31.07
C VAL B 116 20.44 1.85 -31.68
N LYS B 117 21.34 2.85 -31.73
CA LYS B 117 22.69 2.67 -32.29
C LYS B 117 23.66 1.90 -31.39
N VAL B 118 23.82 2.37 -30.15
CA VAL B 118 24.76 1.76 -29.21
C VAL B 118 24.30 0.56 -28.39
N VAL B 119 23.01 0.26 -28.39
CA VAL B 119 22.51 -0.89 -27.62
C VAL B 119 21.88 -1.92 -28.56
N PHE B 120 21.18 -1.47 -29.59
CA PHE B 120 20.51 -2.39 -30.47
C PHE B 120 21.07 -2.60 -31.88
N GLN B 121 22.36 -2.36 -32.04
CA GLN B 121 23.05 -2.53 -33.31
C GLN B 121 22.39 -1.86 -34.49
N GLY B 122 21.83 -0.67 -34.23
CA GLY B 122 21.16 0.10 -35.26
C GLY B 122 19.77 -0.37 -35.62
N ILE B 123 19.28 -1.40 -34.95
CA ILE B 123 17.97 -1.95 -35.24
C ILE B 123 16.91 -1.35 -34.33
N GLU B 124 15.93 -0.67 -34.91
CA GLU B 124 14.84 -0.04 -34.14
C GLU B 124 13.98 -1.14 -33.53
N PRO B 125 13.86 -1.20 -32.20
CA PRO B 125 13.04 -2.23 -31.58
C PRO B 125 11.59 -2.20 -32.10
N GLN B 126 11.08 -3.38 -32.51
CA GLN B 126 9.72 -3.52 -33.03
C GLN B 126 8.69 -3.55 -31.91
N ILE B 127 8.71 -2.53 -31.07
CA ILE B 127 7.80 -2.44 -29.94
C ILE B 127 7.16 -1.07 -30.00
N ASN B 128 5.84 -1.06 -29.97
CA ASN B 128 5.10 0.19 -30.03
C ASN B 128 5.43 1.05 -28.81
N ASP B 129 5.68 2.33 -29.07
CA ASP B 129 5.97 3.33 -28.03
C ASP B 129 6.95 2.80 -26.97
N TRP B 130 8.05 2.18 -27.40
CA TRP B 130 9.00 1.61 -26.45
C TRP B 130 9.75 2.63 -25.57
N VAL B 131 9.79 3.89 -25.98
CA VAL B 131 10.41 4.93 -25.17
C VAL B 131 9.34 6.02 -25.07
N ALA B 132 8.77 6.19 -23.88
CA ALA B 132 7.72 7.17 -23.71
C ALA B 132 7.84 8.05 -22.47
N ILE B 133 7.62 9.35 -22.66
CA ILE B 133 7.65 10.31 -21.57
C ILE B 133 6.21 10.34 -21.03
N THR B 134 6.05 10.22 -19.72
CA THR B 134 4.73 10.23 -19.10
C THR B 134 4.08 11.61 -19.20
N LYS B 135 2.83 11.65 -19.66
CA LYS B 135 2.09 12.89 -19.82
C LYS B 135 1.07 13.06 -18.70
N VAL B 136 0.54 14.28 -18.58
CA VAL B 136 -0.47 14.62 -17.57
C VAL B 136 -1.81 13.97 -17.99
N LYS B 137 -2.07 14.02 -19.30
CA LYS B 137 -3.27 13.49 -19.92
C LYS B 137 -2.91 13.22 -21.37
N LYS B 138 -3.78 12.54 -22.11
CA LYS B 138 -3.53 12.26 -23.52
C LYS B 138 -3.32 13.59 -24.26
N GLY B 139 -2.24 13.67 -25.01
CA GLY B 139 -1.95 14.89 -25.76
C GLY B 139 -1.62 16.10 -24.88
N GLY B 140 -1.44 15.86 -23.59
CA GLY B 140 -1.12 16.93 -22.67
C GLY B 140 0.37 17.17 -22.52
N ALA B 141 0.73 17.96 -21.51
CA ALA B 141 2.12 18.29 -21.24
C ALA B 141 2.87 17.14 -20.52
N ASN B 142 4.19 17.27 -20.45
CA ASN B 142 5.03 16.27 -19.78
C ASN B 142 4.78 16.34 -18.28
N LYS B 143 4.47 15.19 -17.68
CA LYS B 143 4.19 15.11 -16.26
C LYS B 143 5.43 15.33 -15.39
N VAL B 144 5.24 16.05 -14.29
CA VAL B 144 6.32 16.33 -13.35
C VAL B 144 5.80 15.85 -11.99
N VAL B 145 6.59 15.01 -11.30
CA VAL B 145 6.16 14.50 -10.00
C VAL B 145 7.13 14.91 -8.91
N ASP B 146 6.64 14.91 -7.66
CA ASP B 146 7.45 15.26 -6.49
C ASP B 146 8.04 13.98 -5.93
N SER B 147 8.93 14.10 -4.96
CA SER B 147 9.59 12.95 -4.33
C SER B 147 8.58 11.95 -3.78
N GLY B 148 7.43 12.45 -3.32
CA GLY B 148 6.39 11.59 -2.76
C GLY B 148 5.93 10.46 -3.67
N TYR B 149 6.14 10.63 -4.96
CA TYR B 149 5.76 9.61 -5.94
C TYR B 149 6.50 8.28 -5.70
N ILE B 150 7.74 8.35 -5.21
CA ILE B 150 8.53 7.15 -4.97
C ILE B 150 7.91 6.21 -3.92
N PRO B 151 7.70 6.70 -2.67
CA PRO B 151 7.10 5.81 -1.67
C PRO B 151 5.63 5.50 -1.97
N ALA B 152 4.96 6.39 -2.70
CA ALA B 152 3.55 6.22 -3.04
C ALA B 152 3.29 5.15 -4.08
N TYR B 153 4.13 5.08 -5.11
CA TYR B 153 3.92 4.12 -6.20
C TYR B 153 5.05 3.15 -6.52
N LEU B 154 6.30 3.57 -6.33
CA LEU B 154 7.42 2.69 -6.68
C LEU B 154 7.84 1.70 -5.60
N LEU B 155 8.04 2.19 -4.39
CA LEU B 155 8.49 1.35 -3.28
C LEU B 155 7.60 0.17 -2.91
N PRO B 156 6.25 0.32 -2.98
CA PRO B 156 5.36 -0.79 -2.63
C PRO B 156 5.43 -2.02 -3.50
N LYS B 157 6.04 -1.91 -4.68
CA LYS B 157 6.14 -3.05 -5.59
C LYS B 157 6.95 -4.20 -5.00
N VAL B 158 6.46 -5.41 -5.17
CA VAL B 158 7.15 -6.59 -4.65
C VAL B 158 7.43 -7.57 -5.79
N GLN B 159 8.24 -8.58 -5.53
CA GLN B 159 8.58 -9.57 -6.55
C GLN B 159 7.37 -10.46 -6.85
N PRO B 160 7.24 -10.95 -8.10
CA PRO B 160 8.10 -10.77 -9.28
C PRO B 160 7.92 -9.48 -10.08
N GLU B 161 6.89 -8.68 -9.78
CA GLU B 161 6.69 -7.42 -10.51
C GLU B 161 7.95 -6.56 -10.38
N LEU B 162 8.46 -6.44 -9.16
CA LEU B 162 9.69 -5.68 -8.92
C LEU B 162 10.84 -6.59 -9.35
N GLN B 163 11.67 -6.11 -10.27
CA GLN B 163 12.80 -6.87 -10.75
C GLN B 163 14.13 -6.33 -10.21
N TRP B 164 14.29 -5.00 -10.20
CA TRP B 164 15.51 -4.35 -9.72
C TRP B 164 15.25 -2.84 -9.64
N ALA B 165 16.12 -2.10 -8.97
CA ALA B 165 15.96 -0.65 -8.87
C ALA B 165 17.32 -0.03 -8.63
N TRP B 166 17.49 1.21 -9.08
CA TRP B 166 18.75 1.93 -8.93
C TRP B 166 18.46 3.36 -8.53
N THR B 167 19.33 3.93 -7.71
CA THR B 167 19.17 5.31 -7.27
C THR B 167 20.47 5.94 -6.79
N ASN B 168 20.57 7.26 -6.96
CA ASN B 168 21.73 7.99 -6.48
C ASN B 168 21.22 8.97 -5.41
N LEU B 169 19.95 8.78 -5.02
CA LEU B 169 19.32 9.58 -3.97
C LEU B 169 19.65 8.87 -2.66
N ASP B 170 20.38 9.54 -1.78
CA ASP B 170 20.80 8.95 -0.50
C ASP B 170 19.72 8.30 0.32
N GLU B 171 18.57 8.95 0.46
CA GLU B 171 17.48 8.41 1.25
C GLU B 171 16.90 7.10 0.74
N TYR B 172 17.17 6.78 -0.52
CA TYR B 172 16.60 5.57 -1.11
C TYR B 172 17.61 4.48 -1.47
N LYS B 173 18.89 4.73 -1.22
CA LYS B 173 19.90 3.74 -1.55
C LYS B 173 19.64 2.35 -0.96
N LEU B 174 19.28 2.28 0.32
CA LEU B 174 19.00 0.98 0.93
C LEU B 174 17.69 0.41 0.38
N ALA B 175 16.72 1.29 0.19
CA ALA B 175 15.40 0.90 -0.30
C ALA B 175 15.45 0.22 -1.67
N ALA B 176 16.30 0.72 -2.56
CA ALA B 176 16.46 0.19 -3.91
C ALA B 176 16.28 -1.32 -4.06
N LEU B 177 17.03 -2.10 -3.29
CA LEU B 177 16.94 -3.55 -3.37
C LEU B 177 16.62 -4.23 -2.02
N ASN B 178 15.93 -3.51 -1.13
CA ASN B 178 15.59 -4.07 0.17
C ASN B 178 14.12 -3.84 0.49
N LEU B 179 13.37 -4.93 0.54
CA LEU B 179 11.93 -4.94 0.82
C LEU B 179 11.56 -4.40 2.20
N GLU B 180 12.36 -4.77 3.21
CA GLU B 180 12.13 -4.32 4.58
C GLU B 180 12.25 -2.80 4.65
N GLU B 181 13.27 -2.25 3.99
CA GLU B 181 13.47 -0.81 3.98
C GLU B 181 12.36 -0.11 3.22
N ARG B 182 11.92 -0.72 2.11
CA ARG B 182 10.84 -0.15 1.33
C ARG B 182 9.60 -0.07 2.22
N LYS B 183 9.33 -1.14 2.97
CA LYS B 183 8.19 -1.21 3.88
C LYS B 183 8.27 -0.08 4.91
N ARG B 184 9.46 0.14 5.47
CA ARG B 184 9.67 1.20 6.46
C ARG B 184 9.35 2.58 5.88
N LEU B 185 9.88 2.85 4.68
CA LEU B 185 9.66 4.12 4.02
C LEU B 185 8.19 4.34 3.60
N VAL B 186 7.50 3.26 3.23
CA VAL B 186 6.09 3.37 2.84
C VAL B 186 5.26 3.71 4.07
N ALA B 187 5.60 3.09 5.20
CA ALA B 187 4.89 3.32 6.46
C ALA B 187 5.03 4.78 6.90
N GLN B 188 6.23 5.33 6.73
CA GLN B 188 6.52 6.71 7.07
C GLN B 188 5.68 7.63 6.19
N PHE B 189 5.60 7.30 4.90
CA PHE B 189 4.83 8.09 3.95
C PHE B 189 3.34 8.06 4.34
N LEU B 190 2.82 6.89 4.65
CA LEU B 190 1.42 6.75 5.05
C LEU B 190 1.08 7.53 6.34
N ALA B 191 1.99 7.49 7.31
CA ALA B 191 1.80 8.21 8.57
C ALA B 191 1.70 9.70 8.31
N GLU B 192 2.65 10.23 7.54
CA GLU B 192 2.69 11.65 7.20
C GLU B 192 1.44 12.04 6.42
N SER B 193 1.09 11.21 5.45
CA SER B 193 -0.06 11.46 4.60
C SER B 193 -1.40 11.55 5.33
N SER B 194 -1.53 10.85 6.44
CA SER B 194 -2.77 10.87 7.21
C SER B 194 -2.81 12.01 8.24
N GLN B 195 -2.52 13.24 7.79
CA GLN B 195 -2.53 14.42 8.66
C GLN B 195 -2.90 15.67 7.87
MG MG E . -5.02 -4.67 12.06
MG MG F . -29.32 12.46 25.49
CL CL G . -3.02 -9.77 14.78
MG MG H . 4.78 -0.83 -14.26
MG MG I . -33.68 -4.75 15.36
#